data_4P5Z
#
_entry.id   4P5Z
#
_cell.length_a   52.805
_cell.length_b   38.235
_cell.length_c   75.465
_cell.angle_alpha   90.000
_cell.angle_beta   101.460
_cell.angle_gamma   90.000
#
_symmetry.space_group_name_H-M   'P 1 21 1'
#
loop_
_entity.id
_entity.type
_entity.pdbx_description
1 polymer 'Ephrin type-A receptor 3'
2 non-polymer 2-amino-1-[4-({[3-(trifluoromethyl)phenyl]carbamoyl}amino)phenyl]-1H-pyrrolo[2,3-b]quinoxaline-3-carboxamide
3 water water
#
_entity_poly.entity_id   1
_entity_poly.type   'polypeptide(L)'
_entity_poly.pdbx_seq_one_letter_code
;MGSSHHHHHHSSGLVPRGSTQTVHEFAKELDATNISIDKVVGAGEFGEVCSGRLKLPSKKEISVAIKTLKVGYTEKQRRD
FLGEASIMGQFDHPNIIRLEGVVTKSKPVMIVTEYMENGSLDSFLRKHDAQFTVIQLVGMLRGIASGMKYLSDMGYVHRD
LAARNILINSNLVCKVSDFGLSRVLEDDPEAAYTTRGGKIPIRWTSPEAIAYRKFTSASDVWSYGIVLWEVMSYGERPYW
EMSNQDVIKAVDEGYRLPPPMDCPAALYQLMLDCWQKDRNNRPKFEQIVSILDKLIRNPGSLKIITSAAARPSNLLLDQS
NVDITTFRTTGDWLNGVWTAHCKEIFTGVEYSSCDTIAKIS
;
_entity_poly.pdbx_strand_id   A
#
# COMPACT_ATOMS: atom_id res chain seq x y z
N VAL A 23 12.34 7.50 -19.16
CA VAL A 23 11.32 6.62 -18.60
C VAL A 23 11.37 5.26 -19.26
N HIS A 24 11.92 5.21 -20.47
CA HIS A 24 11.89 3.99 -21.25
C HIS A 24 12.96 3.00 -20.83
N GLU A 25 13.77 3.35 -19.82
CA GLU A 25 14.77 2.42 -19.33
C GLU A 25 14.10 1.30 -18.53
N PHE A 26 13.05 1.65 -17.81
CA PHE A 26 12.34 0.70 -16.96
C PHE A 26 10.91 0.46 -17.38
N ALA A 27 10.38 1.30 -18.26
CA ALA A 27 8.99 1.21 -18.72
C ALA A 27 8.92 0.96 -20.20
N LYS A 28 8.22 -0.11 -20.60
CA LYS A 28 7.97 -0.39 -21.99
C LYS A 28 6.98 0.57 -22.64
N GLU A 29 7.32 1.08 -23.82
CA GLU A 29 6.38 1.84 -24.62
C GLU A 29 5.35 0.90 -25.23
N LEU A 30 4.08 1.05 -24.82
CA LEU A 30 3.01 0.24 -25.37
C LEU A 30 2.44 0.88 -26.61
N ASP A 31 2.00 0.03 -27.54
CA ASP A 31 1.26 0.51 -28.69
C ASP A 31 -0.23 0.72 -28.36
N ALA A 32 -0.74 1.93 -28.55
CA ALA A 32 -2.10 2.26 -28.08
C ALA A 32 -3.20 1.45 -28.76
N THR A 33 -2.87 0.84 -29.90
CA THR A 33 -3.84 0.06 -30.63
C THR A 33 -4.08 -1.24 -29.89
N ASN A 34 -3.13 -1.59 -29.03
CA ASN A 34 -3.31 -2.76 -28.16
C ASN A 34 -4.10 -2.47 -26.89
N ILE A 35 -4.55 -1.24 -26.72
CA ILE A 35 -5.23 -0.84 -25.44
C ILE A 35 -6.67 -0.46 -25.69
N SER A 36 -7.60 -1.10 -24.95
CA SER A 36 -9.01 -0.77 -25.00
C SER A 36 -9.49 -0.21 -23.62
N ILE A 37 -10.14 0.96 -23.67
CA ILE A 37 -10.70 1.60 -22.49
C ILE A 37 -12.12 1.12 -22.32
N ASP A 38 -12.48 0.79 -21.09
CA ASP A 38 -13.77 0.22 -20.80
C ASP A 38 -14.57 1.16 -19.87
N LYS A 39 -13.92 1.78 -18.89
CA LYS A 39 -14.63 2.65 -17.95
C LYS A 39 -13.73 3.60 -17.17
N VAL A 40 -14.26 4.78 -16.82
CA VAL A 40 -13.57 5.68 -15.91
C VAL A 40 -13.93 5.29 -14.49
N VAL A 41 -12.93 4.99 -13.66
CA VAL A 41 -13.19 4.43 -12.32
C VAL A 41 -12.67 5.32 -11.19
N GLY A 42 -12.22 6.52 -11.51
CA GLY A 42 -11.74 7.42 -10.50
C GLY A 42 -10.97 8.56 -11.07
N ALA A 43 -10.89 9.63 -10.29
CA ALA A 43 -9.96 10.69 -10.56
C ALA A 43 -8.74 10.41 -9.74
N GLY A 44 -7.59 10.40 -10.39
CA GLY A 44 -6.33 10.27 -9.71
C GLY A 44 -5.78 11.66 -9.50
N GLU A 45 -4.47 11.76 -9.27
CA GLU A 45 -3.84 13.04 -9.02
C GLU A 45 -3.47 13.81 -10.29
N PHE A 46 -2.93 13.09 -11.27
CA PHE A 46 -2.50 13.71 -12.51
C PHE A 46 -3.58 13.63 -13.61
N GLY A 47 -4.75 13.08 -13.26
CA GLY A 47 -5.80 12.82 -14.23
C GLY A 47 -6.55 11.57 -13.85
N GLU A 48 -7.43 11.10 -14.73
CA GLU A 48 -8.33 9.98 -14.45
C GLU A 48 -7.65 8.63 -14.38
N VAL A 49 -8.35 7.68 -13.76
CA VAL A 49 -7.94 6.30 -13.79
C VAL A 49 -9.07 5.50 -14.40
N CYS A 50 -8.73 4.61 -15.30
CA CYS A 50 -9.71 3.82 -16.03
C CYS A 50 -9.42 2.35 -15.93
N SER A 51 -10.39 1.56 -16.31
CA SER A 51 -10.23 0.13 -16.36
C SER A 51 -10.30 -0.19 -17.83
N GLY A 52 -9.58 -1.21 -18.25
CA GLY A 52 -9.59 -1.58 -19.67
C GLY A 52 -8.91 -2.89 -19.90
N ARG A 53 -8.49 -3.12 -21.15
CA ARG A 53 -7.81 -4.36 -21.47
C ARG A 53 -6.54 -4.03 -22.25
N LEU A 54 -5.53 -4.89 -22.11
CA LEU A 54 -4.27 -4.77 -22.84
C LEU A 54 -4.02 -6.06 -23.60
N LYS A 55 -3.76 -5.95 -24.90
CA LYS A 55 -3.37 -7.11 -25.68
C LYS A 55 -1.82 -7.15 -25.70
N LEU A 56 -1.26 -8.19 -25.10
CA LEU A 56 0.19 -8.39 -25.01
C LEU A 56 0.79 -8.88 -26.34
N PRO A 57 2.12 -8.74 -26.51
CA PRO A 57 2.71 -9.11 -27.81
C PRO A 57 2.38 -10.54 -28.24
N SER A 58 2.26 -11.41 -27.25
CA SER A 58 1.90 -12.80 -27.48
C SER A 58 0.41 -13.03 -27.76
N LYS A 59 -0.34 -11.93 -27.93
CA LYS A 59 -1.80 -11.90 -28.11
C LYS A 59 -2.68 -12.21 -26.90
N LYS A 60 -2.11 -12.63 -25.77
CA LYS A 60 -2.91 -12.75 -24.54
C LYS A 60 -3.55 -11.38 -24.19
N GLU A 61 -4.75 -11.41 -23.66
CA GLU A 61 -5.44 -10.20 -23.21
C GLU A 61 -5.62 -10.20 -21.70
N ILE A 62 -5.27 -9.09 -21.08
CA ILE A 62 -5.36 -8.99 -19.64
C ILE A 62 -6.11 -7.74 -19.30
N SER A 63 -6.77 -7.73 -18.14
CA SER A 63 -7.33 -6.50 -17.61
C SER A 63 -6.28 -5.58 -17.05
N VAL A 64 -6.44 -4.31 -17.28
CA VAL A 64 -5.49 -3.35 -16.77
C VAL A 64 -6.22 -2.16 -16.21
N ALA A 65 -5.49 -1.46 -15.38
CA ALA A 65 -5.82 -0.13 -14.94
C ALA A 65 -5.02 0.80 -15.79
N ILE A 66 -5.67 1.88 -16.23
CA ILE A 66 -5.08 2.86 -17.12
C ILE A 66 -5.16 4.27 -16.49
N LYS A 67 -4.01 4.78 -16.08
CA LYS A 67 -3.88 6.12 -15.54
C LYS A 67 -3.58 7.11 -16.65
N THR A 68 -4.47 8.07 -16.86
CA THR A 68 -4.29 9.08 -17.90
C THR A 68 -3.76 10.38 -17.34
N LEU A 69 -2.81 10.96 -18.07
CA LEU A 69 -2.36 12.29 -17.77
C LEU A 69 -3.39 13.31 -18.26
N LYS A 70 -3.88 14.17 -17.36
CA LYS A 70 -4.90 15.17 -17.69
C LYS A 70 -4.48 16.01 -18.90
N VAL A 71 -5.46 16.39 -19.71
CA VAL A 71 -5.23 17.26 -20.84
C VAL A 71 -4.86 18.67 -20.33
N GLY A 72 -3.91 19.34 -20.98
CA GLY A 72 -3.52 20.68 -20.57
C GLY A 72 -2.48 20.62 -19.47
N TYR A 73 -1.83 19.47 -19.35
CA TYR A 73 -0.74 19.26 -18.42
C TYR A 73 0.45 20.14 -18.74
N THR A 74 1.16 20.55 -17.68
CA THR A 74 2.44 21.23 -17.80
C THR A 74 3.58 20.22 -17.96
N GLU A 75 4.71 20.68 -18.49
CA GLU A 75 5.84 19.79 -18.75
C GLU A 75 6.31 19.04 -17.51
N LYS A 76 6.21 19.73 -16.36
CA LYS A 76 6.54 19.21 -15.04
C LYS A 76 5.65 18.14 -14.50
N GLN A 77 4.37 18.36 -14.61
CA GLN A 77 3.41 17.31 -14.25
C GLN A 77 3.69 16.06 -15.11
N ARG A 78 4.12 16.24 -16.34
CA ARG A 78 4.51 15.12 -17.19
C ARG A 78 5.68 14.37 -16.57
N ARG A 79 6.71 15.11 -16.16
CA ARG A 79 7.91 14.53 -15.55
C ARG A 79 7.54 13.67 -14.35
N ASP A 80 6.70 14.24 -13.50
CA ASP A 80 6.25 13.61 -12.28
C ASP A 80 5.31 12.44 -12.51
N PHE A 81 4.37 12.64 -13.43
CA PHE A 81 3.46 11.57 -13.76
C PHE A 81 4.25 10.33 -14.17
N LEU A 82 5.20 10.52 -15.07
CA LEU A 82 5.96 9.41 -15.59
C LEU A 82 7.03 8.91 -14.63
N GLY A 83 7.53 9.78 -13.76
CA GLY A 83 8.57 9.40 -12.82
C GLY A 83 8.04 8.28 -11.95
N GLU A 84 6.76 8.36 -11.61
CA GLU A 84 6.08 7.27 -10.94
C GLU A 84 6.25 5.96 -11.74
N ALA A 85 6.20 6.02 -13.06
CA ALA A 85 6.37 4.81 -13.88
C ALA A 85 7.83 4.35 -13.90
N SER A 86 8.77 5.28 -13.80
CA SER A 86 10.17 4.90 -13.76
C SER A 86 10.41 4.07 -12.52
N ILE A 87 9.77 4.45 -11.43
CA ILE A 87 9.99 3.78 -10.15
C ILE A 87 9.32 2.40 -10.17
N MET A 88 8.03 2.40 -10.48
CA MET A 88 7.26 1.17 -10.55
C MET A 88 7.91 0.16 -11.47
N GLY A 89 8.47 0.62 -12.58
CA GLY A 89 9.02 -0.30 -13.56
C GLY A 89 10.26 -1.03 -13.03
N GLN A 90 10.77 -0.61 -11.89
CA GLN A 90 11.98 -1.23 -11.34
C GLN A 90 11.66 -2.43 -10.51
N PHE A 91 10.37 -2.55 -10.12
CA PHE A 91 9.90 -3.63 -9.27
C PHE A 91 9.19 -4.72 -10.06
N ASP A 92 9.51 -5.96 -9.74
CA ASP A 92 8.85 -7.11 -10.26
C ASP A 92 8.64 -8.08 -9.10
N HIS A 93 7.44 -8.05 -8.54
CA HIS A 93 7.15 -8.82 -7.36
C HIS A 93 5.65 -9.05 -7.30
N PRO A 94 5.24 -10.20 -6.75
CA PRO A 94 3.80 -10.52 -6.70
C PRO A 94 2.96 -9.59 -5.82
N ASN A 95 3.59 -8.88 -4.90
CA ASN A 95 2.84 -8.05 -3.99
C ASN A 95 3.19 -6.58 -4.17
N ILE A 96 3.73 -6.27 -5.32
CA ILE A 96 3.89 -4.89 -5.79
C ILE A 96 3.16 -4.71 -7.11
N ILE A 97 2.41 -3.61 -7.24
CA ILE A 97 1.56 -3.36 -8.42
C ILE A 97 2.49 -3.50 -9.65
N ARG A 98 2.06 -4.31 -10.61
CA ARG A 98 2.87 -4.56 -11.82
C ARG A 98 2.63 -3.45 -12.87
N LEU A 99 3.70 -2.82 -13.33
CA LEU A 99 3.64 -1.91 -14.49
C LEU A 99 3.62 -2.69 -15.81
N GLU A 100 2.60 -2.50 -16.64
CA GLU A 100 2.60 -3.20 -17.95
C GLU A 100 3.36 -2.36 -18.98
N GLY A 101 3.29 -1.05 -18.85
CA GLY A 101 3.97 -0.18 -19.78
C GLY A 101 3.45 1.24 -19.74
N VAL A 102 3.97 2.08 -20.63
CA VAL A 102 3.50 3.46 -20.77
C VAL A 102 3.20 3.81 -22.25
N VAL A 103 2.44 4.88 -22.46
CA VAL A 103 2.15 5.43 -23.78
C VAL A 103 2.57 6.89 -23.70
N THR A 104 3.61 7.22 -24.47
CA THR A 104 4.15 8.58 -24.51
C THR A 104 4.24 9.12 -25.95
N LYS A 105 4.36 8.24 -26.92
CA LYS A 105 4.46 8.72 -28.30
C LYS A 105 3.09 8.97 -28.91
N SER A 106 2.04 8.92 -28.09
CA SER A 106 0.70 9.34 -28.51
C SER A 106 -0.11 9.85 -27.31
N LYS A 107 -1.35 10.26 -27.54
CA LYS A 107 -2.11 10.91 -26.48
C LYS A 107 -3.47 10.21 -26.29
N PRO A 108 -4.04 10.32 -25.06
CA PRO A 108 -3.38 10.90 -23.89
C PRO A 108 -2.22 10.06 -23.41
N VAL A 109 -1.33 10.68 -22.67
CA VAL A 109 -0.23 9.98 -22.06
C VAL A 109 -0.77 9.04 -20.98
N MET A 110 -0.26 7.81 -20.97
CA MET A 110 -0.81 6.76 -20.09
C MET A 110 0.24 5.96 -19.37
N ILE A 111 -0.13 5.55 -18.17
CA ILE A 111 0.51 4.49 -17.45
C ILE A 111 -0.49 3.34 -17.30
N VAL A 112 -0.04 2.16 -17.67
CA VAL A 112 -0.90 0.98 -17.69
C VAL A 112 -0.36 0.00 -16.63
N THR A 113 -1.24 -0.46 -15.76
CA THR A 113 -0.83 -1.35 -14.66
C THR A 113 -1.75 -2.53 -14.59
N GLU A 114 -1.39 -3.53 -13.80
CA GLU A 114 -2.26 -4.68 -13.64
C GLU A 114 -3.54 -4.20 -12.97
N TYR A 115 -4.61 -4.96 -13.18
CA TYR A 115 -5.91 -4.61 -12.67
C TYR A 115 -6.19 -5.30 -11.34
N MET A 116 -6.75 -4.55 -10.40
CA MET A 116 -7.02 -5.06 -9.08
C MET A 116 -8.54 -4.89 -8.79
N GLU A 117 -9.26 -5.97 -8.81
CA GLU A 117 -10.70 -5.89 -8.90
C GLU A 117 -11.36 -5.26 -7.69
N ASN A 118 -10.81 -5.42 -6.52
CA ASN A 118 -11.47 -4.98 -5.31
C ASN A 118 -10.95 -3.66 -4.77
N GLY A 119 -10.15 -2.95 -5.56
CA GLY A 119 -9.88 -1.54 -5.29
C GLY A 119 -8.89 -1.30 -4.14
N SER A 120 -8.93 -0.11 -3.54
CA SER A 120 -8.16 0.18 -2.32
C SER A 120 -8.56 -0.71 -1.17
N LEU A 121 -7.59 -1.17 -0.40
CA LEU A 121 -7.85 -1.99 0.77
C LEU A 121 -8.74 -1.38 1.87
N ASP A 122 -8.58 -0.10 2.18
CA ASP A 122 -9.31 0.53 3.29
C ASP A 122 -10.81 0.60 2.94
N SER A 123 -11.15 1.09 1.75
CA SER A 123 -12.52 1.06 1.20
C SER A 123 -13.10 -0.35 1.16
N PHE A 124 -12.33 -1.29 0.63
CA PHE A 124 -12.80 -2.65 0.58
C PHE A 124 -13.11 -3.16 1.96
N LEU A 125 -12.20 -3.00 2.92
CA LEU A 125 -12.51 -3.55 4.24
C LEU A 125 -13.68 -2.88 4.93
N ARG A 126 -13.92 -1.60 4.65
CA ARG A 126 -15.00 -0.90 5.31
C ARG A 126 -16.35 -1.45 4.86
N LYS A 127 -16.40 -1.98 3.65
CA LYS A 127 -17.64 -2.57 3.14
C LYS A 127 -17.93 -3.94 3.74
N HIS A 128 -16.95 -4.49 4.43
CA HIS A 128 -17.01 -5.88 4.87
C HIS A 128 -16.63 -5.98 6.33
N ASP A 129 -17.01 -4.96 7.11
CA ASP A 129 -16.73 -4.95 8.54
C ASP A 129 -17.01 -6.29 9.24
N ALA A 130 -15.98 -6.90 9.82
CA ALA A 130 -16.07 -8.14 10.57
C ALA A 130 -16.49 -9.36 9.74
N GLN A 131 -16.32 -9.33 8.41
CA GLN A 131 -16.80 -10.46 7.57
C GLN A 131 -15.71 -11.44 7.17
N PHE A 132 -14.43 -11.15 7.45
CA PHE A 132 -13.35 -12.09 7.18
C PHE A 132 -12.82 -12.81 8.42
N THR A 133 -12.22 -13.98 8.20
CA THR A 133 -11.54 -14.71 9.26
C THR A 133 -10.19 -14.08 9.59
N VAL A 134 -9.71 -14.31 10.82
CA VAL A 134 -8.42 -13.79 11.21
C VAL A 134 -7.35 -14.26 10.21
N ILE A 135 -7.43 -15.52 9.79
CA ILE A 135 -6.44 -16.03 8.81
C ILE A 135 -6.52 -15.27 7.47
N GLN A 136 -7.72 -15.00 6.95
CA GLN A 136 -7.83 -14.25 5.71
C GLN A 136 -7.11 -12.90 5.89
N LEU A 137 -7.33 -12.27 7.02
CA LEU A 137 -6.75 -10.95 7.25
C LEU A 137 -5.23 -11.02 7.33
N VAL A 138 -4.71 -12.08 7.93
CA VAL A 138 -3.27 -12.21 8.06
C VAL A 138 -2.67 -12.49 6.71
N GLY A 139 -3.40 -13.25 5.87
CA GLY A 139 -2.99 -13.45 4.50
C GLY A 139 -2.76 -12.12 3.77
N MET A 140 -3.70 -11.19 3.93
CA MET A 140 -3.57 -9.87 3.35
C MET A 140 -2.32 -9.15 3.87
N LEU A 141 -2.12 -9.24 5.17
CA LEU A 141 -0.97 -8.55 5.80
C LEU A 141 0.38 -9.14 5.41
N ARG A 142 0.41 -10.47 5.25
CA ARG A 142 1.60 -11.18 4.80
C ARG A 142 2.01 -10.66 3.45
N GLY A 143 1.02 -10.47 2.60
CA GLY A 143 1.24 -10.03 1.24
C GLY A 143 1.87 -8.67 1.26
N ILE A 144 1.24 -7.75 2.00
CA ILE A 144 1.80 -6.40 2.14
C ILE A 144 3.25 -6.43 2.66
N ALA A 145 3.50 -7.25 3.69
CA ALA A 145 4.81 -7.30 4.35
C ALA A 145 5.84 -7.82 3.35
N SER A 146 5.44 -8.77 2.56
CA SER A 146 6.36 -9.36 1.58
C SER A 146 6.75 -8.36 0.47
N GLY A 147 5.79 -7.57 0.01
CA GLY A 147 6.07 -6.57 -1.00
C GLY A 147 7.01 -5.50 -0.40
N MET A 148 6.79 -5.16 0.86
CA MET A 148 7.65 -4.16 1.50
C MET A 148 9.06 -4.67 1.77
N LYS A 149 9.19 -5.96 2.09
CA LYS A 149 10.48 -6.60 2.22
C LYS A 149 11.26 -6.44 0.91
N TYR A 150 10.57 -6.56 -0.23
CA TYR A 150 11.21 -6.44 -1.54
C TYR A 150 11.61 -5.01 -1.78
N LEU A 151 10.68 -4.09 -1.56
CA LEU A 151 10.94 -2.67 -1.76
C LEU A 151 12.14 -2.17 -0.91
N SER A 152 12.16 -2.53 0.37
CA SER A 152 13.24 -2.08 1.24
C SER A 152 14.56 -2.77 0.79
N ASP A 153 14.47 -3.99 0.26
CA ASP A 153 15.66 -4.64 -0.29
C ASP A 153 16.25 -3.86 -1.46
N MET A 154 15.43 -3.17 -2.22
CA MET A 154 15.92 -2.40 -3.37
C MET A 154 16.39 -1.00 -2.98
N GLY A 155 16.37 -0.70 -1.70
CA GLY A 155 16.68 0.63 -1.20
C GLY A 155 15.62 1.70 -1.40
N TYR A 156 14.38 1.26 -1.53
CA TYR A 156 13.30 2.17 -1.75
C TYR A 156 12.60 2.38 -0.42
N VAL A 157 12.43 3.63 -0.02
CA VAL A 157 11.57 3.98 1.13
C VAL A 157 10.28 4.56 0.57
N HIS A 158 9.15 3.95 0.95
CA HIS A 158 7.87 4.28 0.33
C HIS A 158 7.36 5.65 0.73
N ARG A 159 7.40 5.88 2.03
CA ARG A 159 6.96 7.08 2.68
C ARG A 159 5.46 7.33 2.78
N ASP A 160 4.66 6.57 2.07
CA ASP A 160 3.19 6.77 2.11
C ASP A 160 2.47 5.46 2.22
N LEU A 161 3.03 4.54 3.00
CA LEU A 161 2.46 3.23 3.19
C LEU A 161 1.23 3.35 4.09
N ALA A 162 0.09 3.03 3.51
CA ALA A 162 -1.21 3.25 4.12
C ALA A 162 -2.20 2.34 3.43
N ALA A 163 -3.25 1.94 4.13
CA ALA A 163 -4.23 1.02 3.57
C ALA A 163 -4.81 1.55 2.26
N ARG A 164 -5.00 2.85 2.14
CA ARG A 164 -5.51 3.41 0.91
C ARG A 164 -4.57 3.27 -0.28
N ASN A 165 -3.30 2.97 -0.03
CA ASN A 165 -2.32 2.77 -1.10
C ASN A 165 -2.02 1.28 -1.36
N ILE A 166 -2.85 0.42 -0.80
CA ILE A 166 -2.74 -1.01 -1.02
C ILE A 166 -3.93 -1.39 -1.84
N LEU A 167 -3.68 -2.12 -2.90
CA LEU A 167 -4.77 -2.60 -3.75
C LEU A 167 -4.94 -4.08 -3.55
N ILE A 168 -6.18 -4.56 -3.74
CA ILE A 168 -6.53 -5.95 -3.44
C ILE A 168 -7.32 -6.52 -4.63
N ASN A 169 -6.96 -7.72 -5.10
CA ASN A 169 -7.55 -8.25 -6.31
C ASN A 169 -8.64 -9.27 -5.91
N SER A 170 -9.14 -10.00 -6.89
CA SER A 170 -10.36 -10.76 -6.66
C SER A 170 -10.09 -11.94 -5.76
N ASN A 171 -8.82 -12.35 -5.68
CA ASN A 171 -8.44 -13.46 -4.80
C ASN A 171 -7.93 -12.96 -3.45
N LEU A 172 -8.13 -11.68 -3.21
CA LEU A 172 -7.76 -11.00 -1.93
C LEU A 172 -6.26 -10.84 -1.79
N VAL A 173 -5.54 -10.98 -2.89
CA VAL A 173 -4.10 -10.73 -2.89
C VAL A 173 -3.91 -9.25 -2.84
N CYS A 174 -3.13 -8.77 -1.83
CA CYS A 174 -2.80 -7.36 -1.67
C CYS A 174 -1.41 -6.98 -2.21
N LYS A 175 -1.34 -5.80 -2.82
CA LYS A 175 -0.20 -5.34 -3.55
C LYS A 175 0.07 -3.91 -3.20
N VAL A 176 1.32 -3.62 -2.88
CA VAL A 176 1.66 -2.25 -2.61
C VAL A 176 1.59 -1.38 -3.85
N SER A 177 1.15 -0.17 -3.66
CA SER A 177 0.91 0.83 -4.68
C SER A 177 1.36 2.17 -4.16
N ASP A 178 1.23 3.24 -4.94
CA ASP A 178 1.37 4.56 -4.37
C ASP A 178 0.61 5.55 -5.24
N PHE A 179 -0.35 6.25 -4.66
CA PHE A 179 -1.14 7.17 -5.46
C PHE A 179 -0.56 8.58 -5.41
N PRO A 201 1.75 12.82 5.47
CA PRO A 201 0.59 12.05 5.97
C PRO A 201 0.86 11.65 7.40
N ILE A 202 0.54 12.56 8.31
CA ILE A 202 0.98 12.49 9.69
C ILE A 202 0.62 11.18 10.35
N ARG A 203 -0.57 10.65 10.07
CA ARG A 203 -1.08 9.52 10.84
C ARG A 203 -0.31 8.24 10.53
N TRP A 204 0.36 8.22 9.40
CA TRP A 204 1.08 7.02 8.94
C TRP A 204 2.57 7.18 9.11
N THR A 205 3.01 8.34 9.55
CA THR A 205 4.45 8.68 9.55
C THR A 205 5.12 8.50 10.92
N SER A 206 6.35 7.99 10.94
CA SER A 206 7.01 7.74 12.23
C SER A 206 7.32 9.07 12.93
N PRO A 207 7.48 9.07 14.27
CA PRO A 207 7.83 10.29 15.00
C PRO A 207 9.03 11.01 14.43
N GLU A 208 10.11 10.27 14.15
CA GLU A 208 11.33 10.89 13.63
C GLU A 208 11.22 11.42 12.21
N ALA A 209 10.33 10.83 11.40
CA ALA A 209 10.14 11.30 10.04
C ALA A 209 9.34 12.58 10.08
N ILE A 210 8.32 12.61 10.94
CA ILE A 210 7.58 13.84 11.18
C ILE A 210 8.53 14.92 11.76
N ALA A 211 9.40 14.51 12.67
CA ALA A 211 10.21 15.49 13.48
C ALA A 211 11.27 16.17 12.65
N TYR A 212 12.07 15.39 11.91
CA TYR A 212 13.03 15.97 11.01
C TYR A 212 13.26 15.19 9.73
N ARG A 213 12.16 14.68 9.16
CA ARG A 213 12.24 14.00 7.86
C ARG A 213 13.30 12.90 7.85
N LYS A 214 13.41 12.16 8.93
CA LYS A 214 14.26 10.96 8.92
C LYS A 214 13.49 9.75 8.36
N PHE A 215 13.46 9.64 7.05
CA PHE A 215 12.76 8.53 6.40
C PHE A 215 13.72 7.40 6.10
N THR A 216 13.53 6.25 6.76
CA THR A 216 14.28 5.01 6.48
C THR A 216 13.32 3.83 6.26
N SER A 217 13.85 2.62 6.08
CA SER A 217 12.99 1.46 6.05
C SER A 217 12.27 1.26 7.38
N ALA A 218 12.88 1.72 8.47
CA ALA A 218 12.25 1.62 9.80
C ALA A 218 11.07 2.57 9.96
N SER A 219 11.07 3.68 9.23
CA SER A 219 9.90 4.53 9.27
C SER A 219 8.77 3.90 8.42
N ASP A 220 9.12 3.15 7.37
CA ASP A 220 8.13 2.36 6.62
C ASP A 220 7.56 1.29 7.54
N VAL A 221 8.40 0.71 8.41
CA VAL A 221 7.93 -0.33 9.32
C VAL A 221 6.93 0.32 10.31
N TRP A 222 7.18 1.56 10.71
CA TRP A 222 6.19 2.24 11.56
C TRP A 222 4.86 2.28 10.78
N SER A 223 4.91 2.69 9.51
CA SER A 223 3.69 2.84 8.70
C SER A 223 2.99 1.48 8.54
N TYR A 224 3.80 0.43 8.36
CA TYR A 224 3.26 -0.91 8.27
C TYR A 224 2.43 -1.26 9.52
N GLY A 225 2.87 -0.83 10.69
CA GLY A 225 2.11 -1.14 11.91
C GLY A 225 0.81 -0.39 11.89
N ILE A 226 0.78 0.78 11.27
CA ILE A 226 -0.47 1.49 11.15
C ILE A 226 -1.41 0.75 10.16
N VAL A 227 -0.83 0.26 9.06
CA VAL A 227 -1.59 -0.51 8.09
C VAL A 227 -2.17 -1.74 8.78
N LEU A 228 -1.38 -2.33 9.67
CA LEU A 228 -1.77 -3.54 10.37
C LEU A 228 -2.98 -3.26 11.29
N TRP A 229 -2.94 -2.09 11.92
CA TRP A 229 -4.11 -1.58 12.62
C TRP A 229 -5.32 -1.32 11.74
N GLU A 230 -5.10 -0.73 10.57
CA GLU A 230 -6.20 -0.41 9.67
C GLU A 230 -6.92 -1.67 9.21
N VAL A 231 -6.14 -2.72 8.95
CA VAL A 231 -6.66 -3.98 8.48
C VAL A 231 -7.44 -4.63 9.64
N MET A 232 -6.87 -4.73 10.84
CA MET A 232 -7.60 -5.45 11.90
C MET A 232 -8.81 -4.65 12.36
N SER A 233 -8.86 -3.38 11.96
CA SER A 233 -9.96 -2.46 12.25
C SER A 233 -10.93 -2.29 11.12
N TYR A 234 -10.72 -3.06 10.04
CA TYR A 234 -11.55 -2.98 8.88
C TYR A 234 -11.71 -1.57 8.33
N GLY A 235 -10.62 -0.84 8.24
CA GLY A 235 -10.61 0.41 7.51
C GLY A 235 -10.98 1.63 8.33
N GLU A 236 -10.86 1.54 9.65
CA GLU A 236 -11.04 2.73 10.48
C GLU A 236 -9.87 3.70 10.24
N ARG A 237 -10.13 5.01 10.28
CA ARG A 237 -9.08 6.00 10.09
C ARG A 237 -8.14 5.92 11.30
N PRO A 238 -6.82 5.81 11.06
CA PRO A 238 -5.92 5.88 12.22
C PRO A 238 -6.02 7.22 12.97
N TYR A 239 -6.17 7.16 14.29
CA TYR A 239 -6.36 8.36 15.15
C TYR A 239 -7.62 9.15 14.81
N TRP A 240 -8.56 8.50 14.10
CA TRP A 240 -9.84 9.07 13.69
C TRP A 240 -9.66 10.49 13.17
N GLU A 241 -10.38 11.44 13.75
CA GLU A 241 -10.24 12.83 13.32
C GLU A 241 -9.48 13.72 14.29
N MET A 242 -8.58 13.13 15.06
CA MET A 242 -7.83 13.94 16.05
C MET A 242 -7.08 15.07 15.32
N SER A 243 -6.99 16.25 15.92
CA SER A 243 -6.09 17.29 15.39
C SER A 243 -4.74 16.70 15.15
N ASN A 244 -4.08 17.11 14.08
CA ASN A 244 -2.76 16.59 13.75
C ASN A 244 -1.72 16.89 14.83
N GLN A 245 -1.81 18.10 15.39
CA GLN A 245 -0.94 18.51 16.49
C GLN A 245 -1.03 17.52 17.67
N ASP A 246 -2.23 17.05 17.96
CA ASP A 246 -2.39 16.06 19.03
C ASP A 246 -1.99 14.65 18.63
N VAL A 247 -2.09 14.32 17.36
CA VAL A 247 -1.56 13.02 16.89
C VAL A 247 -0.04 13.02 17.12
N ILE A 248 0.62 14.08 16.70
CA ILE A 248 2.07 14.19 16.89
C ILE A 248 2.41 14.14 18.36
N LYS A 249 1.60 14.84 19.15
CA LYS A 249 2.02 15.06 20.52
C LYS A 249 1.81 13.76 21.31
N ALA A 250 0.66 13.13 21.09
CA ALA A 250 0.26 11.92 21.82
C ALA A 250 1.22 10.75 21.60
N VAL A 251 1.57 10.55 20.33
CA VAL A 251 2.47 9.48 19.95
C VAL A 251 3.82 9.79 20.59
N ASP A 252 4.25 11.02 20.46
CA ASP A 252 5.53 11.40 21.11
C ASP A 252 5.53 11.07 22.61
N GLU A 253 4.44 11.31 23.31
CA GLU A 253 4.37 11.01 24.75
C GLU A 253 4.25 9.49 25.08
N GLY A 254 4.09 8.65 24.06
CA GLY A 254 4.07 7.21 24.28
C GLY A 254 2.70 6.57 24.13
N TYR A 255 1.69 7.35 23.72
CA TYR A 255 0.35 6.84 23.52
C TYR A 255 0.30 6.14 22.17
N ARG A 256 -0.50 5.07 22.09
CA ARG A 256 -0.59 4.28 20.88
C ARG A 256 -2.06 3.95 20.61
N LEU A 257 -2.35 3.67 19.35
CA LEU A 257 -3.69 3.21 18.94
C LEU A 257 -4.06 2.01 19.80
N PRO A 258 -5.32 1.92 20.21
CA PRO A 258 -5.75 0.78 21.01
C PRO A 258 -6.01 -0.48 20.18
N PRO A 259 -6.08 -1.66 20.84
CA PRO A 259 -6.25 -2.84 20.02
C PRO A 259 -7.60 -2.83 19.36
N PRO A 260 -7.67 -3.16 18.06
CA PRO A 260 -9.02 -3.26 17.47
C PRO A 260 -9.87 -4.34 18.16
N MET A 261 -11.18 -4.27 18.02
CA MET A 261 -12.07 -5.27 18.60
C MET A 261 -11.74 -6.71 18.14
N ASP A 262 -11.69 -7.64 19.09
CA ASP A 262 -11.30 -9.02 18.84
C ASP A 262 -9.93 -9.17 18.18
N CYS A 263 -9.02 -8.23 18.39
CA CYS A 263 -7.68 -8.34 17.80
C CYS A 263 -6.84 -9.39 18.55
N PRO A 264 -6.33 -10.40 17.83
CA PRO A 264 -5.39 -11.33 18.49
C PRO A 264 -4.21 -10.61 19.14
N ALA A 265 -3.83 -10.99 20.37
CA ALA A 265 -2.72 -10.38 21.10
C ALA A 265 -1.45 -10.30 20.27
N ALA A 266 -1.17 -11.39 19.59
CA ALA A 266 -0.01 -11.51 18.69
C ALA A 266 0.04 -10.38 17.65
N LEU A 267 -1.10 -10.02 17.05
CA LEU A 267 -1.08 -8.98 16.05
C LEU A 267 -1.00 -7.62 16.69
N TYR A 268 -1.62 -7.44 17.86
CA TYR A 268 -1.52 -6.16 18.53
C TYR A 268 -0.08 -5.93 19.00
N GLN A 269 0.55 -6.96 19.57
CA GLN A 269 1.94 -6.80 20.02
C GLN A 269 2.81 -6.44 18.84
N LEU A 270 2.55 -7.06 17.67
CA LEU A 270 3.31 -6.70 16.46
C LEU A 270 3.14 -5.22 16.09
N MET A 271 1.94 -4.69 16.24
CA MET A 271 1.76 -3.27 16.02
C MET A 271 2.68 -2.46 16.97
N LEU A 272 2.64 -2.79 18.26
CA LEU A 272 3.44 -2.05 19.22
C LEU A 272 4.93 -2.22 18.95
N ASP A 273 5.34 -3.36 18.40
CA ASP A 273 6.76 -3.51 18.06
C ASP A 273 7.10 -2.56 16.91
N CYS A 274 6.20 -2.48 15.94
CA CYS A 274 6.39 -1.61 14.80
C CYS A 274 6.40 -0.17 15.25
N TRP A 275 5.72 0.12 16.35
CA TRP A 275 5.61 1.49 16.83
C TRP A 275 6.63 1.80 17.97
N GLN A 276 7.74 1.06 18.05
CA GLN A 276 8.77 1.43 19.05
C GLN A 276 9.28 2.82 18.77
N LYS A 277 9.47 3.59 19.82
CA LYS A 277 10.00 4.94 19.69
C LYS A 277 11.39 4.93 19.06
N ASP A 278 12.22 4.03 19.55
CA ASP A 278 13.56 3.85 19.01
C ASP A 278 13.50 3.08 17.68
N ARG A 279 13.68 3.76 16.57
CA ARG A 279 13.58 3.12 15.28
C ARG A 279 14.46 1.89 15.14
N ASN A 280 15.60 1.87 15.85
CA ASN A 280 16.52 0.71 15.78
C ASN A 280 15.93 -0.50 16.44
N ASN A 281 14.89 -0.30 17.24
CA ASN A 281 14.27 -1.44 17.90
C ASN A 281 13.08 -2.03 17.13
N ARG A 282 12.75 -1.47 15.97
CA ARG A 282 11.57 -2.00 15.23
C ARG A 282 11.99 -3.26 14.47
N PRO A 283 11.07 -4.20 14.27
CA PRO A 283 11.40 -5.37 13.44
C PRO A 283 11.80 -4.94 12.05
N LYS A 284 12.56 -5.80 11.37
CA LYS A 284 12.76 -5.68 9.93
C LYS A 284 11.60 -6.34 9.17
N PHE A 285 11.39 -5.94 7.94
CA PHE A 285 10.28 -6.51 7.17
C PHE A 285 10.45 -8.02 7.08
N GLU A 286 11.68 -8.48 6.93
CA GLU A 286 11.93 -9.93 6.88
C GLU A 286 11.45 -10.65 8.13
N GLN A 287 11.61 -10.04 9.31
CA GLN A 287 11.09 -10.64 10.55
C GLN A 287 9.55 -10.58 10.58
N ILE A 288 9.00 -9.45 10.17
CA ILE A 288 7.54 -9.36 10.07
C ILE A 288 6.93 -10.48 9.19
N VAL A 289 7.49 -10.71 8.00
CA VAL A 289 7.01 -11.79 7.13
C VAL A 289 7.11 -13.14 7.85
N SER A 290 8.21 -13.35 8.56
CA SER A 290 8.44 -14.60 9.29
C SER A 290 7.40 -14.80 10.39
N ILE A 291 7.08 -13.72 11.09
CA ILE A 291 6.08 -13.81 12.14
C ILE A 291 4.73 -14.14 11.54
N LEU A 292 4.39 -13.48 10.45
CA LEU A 292 3.09 -13.70 9.84
C LEU A 292 2.98 -15.11 9.26
N ASP A 293 4.06 -15.62 8.67
CA ASP A 293 4.04 -16.98 8.17
C ASP A 293 3.81 -17.99 9.29
N LYS A 294 4.35 -17.71 10.47
CA LYS A 294 4.06 -18.56 11.64
C LYS A 294 2.59 -18.53 12.04
N LEU A 295 1.96 -17.36 12.02
CA LEU A 295 0.59 -17.27 12.53
C LEU A 295 -0.37 -17.89 11.51
N ILE A 296 0.03 -17.96 10.25
CA ILE A 296 -0.78 -18.64 9.25
C ILE A 296 -0.66 -20.14 9.46
N ARG A 297 0.52 -20.62 9.83
CA ARG A 297 0.68 -22.04 10.07
C ARG A 297 -0.19 -22.51 11.24
N ASN A 298 -0.30 -21.69 12.27
CA ASN A 298 -1.02 -22.07 13.48
C ASN A 298 -1.91 -20.96 13.97
N PRO A 299 -3.19 -21.10 13.66
CA PRO A 299 -4.22 -20.17 14.08
C PRO A 299 -4.56 -20.50 15.51
N GLY A 300 -3.89 -21.52 15.99
CA GLY A 300 -3.96 -21.86 17.39
C GLY A 300 -3.29 -20.82 18.28
N SER A 301 -2.35 -20.08 17.72
CA SER A 301 -1.66 -19.04 18.50
C SER A 301 -2.54 -17.80 18.64
N LEU A 302 -3.40 -17.62 17.64
CA LEU A 302 -4.21 -16.42 17.47
C LEU A 302 -5.43 -16.40 18.37
N LYS A 303 -5.60 -17.45 19.16
CA LYS A 303 -6.80 -17.61 19.98
C LYS A 303 -6.80 -16.59 21.09
N ILE A 304 -5.61 -16.15 21.50
CA ILE A 304 -5.50 -15.20 22.61
C ILE A 304 -5.88 -13.78 22.12
N ILE A 305 -6.99 -13.29 22.64
CA ILE A 305 -7.50 -11.96 22.34
C ILE A 305 -7.09 -10.95 23.41
N THR A 306 -6.87 -9.71 22.98
CA THR A 306 -6.55 -8.63 23.89
C THR A 306 -7.75 -8.28 24.76
N ASN A 314 -9.89 6.58 22.12
CA ASN A 314 -8.93 6.72 23.20
C ASN A 314 -7.63 5.90 23.01
N LEU A 315 -6.49 6.56 23.21
CA LEU A 315 -5.19 5.95 23.02
C LEU A 315 -4.73 5.30 24.30
N LEU A 316 -3.82 4.34 24.20
CA LEU A 316 -3.22 3.68 25.34
C LEU A 316 -1.76 4.03 25.57
N LEU A 317 -1.36 4.23 26.83
CA LEU A 317 0.04 4.50 27.20
C LEU A 317 0.69 3.24 27.73
#